data_4BHX
#
_entry.id   4BHX
#
_cell.length_a   83.615
_cell.length_b   83.615
_cell.length_c   55.233
_cell.angle_alpha   90.00
_cell.angle_beta   90.00
_cell.angle_gamma   120.00
#
_symmetry.space_group_name_H-M   'P 65'
#
loop_
_entity.id
_entity.type
_entity.pdbx_description
1 polymer 'PATERNALLY-EXPRESSED GENE 3 PROTEIN'
2 non-polymer DI(HYDROXYETHYL)ETHER
3 non-polymer 'TRIETHYLENE GLYCOL'
4 non-polymer 1,2-ETHANEDIOL
5 water water
#
_entity_poly.entity_id   1
_entity_poly.type   'polypeptide(L)'
_entity_poly.pdbx_seq_one_letter_code
;GHMTDSEFFHQRFRNLIYVEFVGPRKTLIKLRNLCLDWLQPETRTKEEIIELLVLEQYLTIIPEKLKPWVRAKKPENCEK
LVTLLENYKEMYQP
;
_entity_poly.pdbx_strand_id   A,B
#
# COMPACT_ATOMS: atom_id res chain seq x y z
N HIS A 2 -1.35 12.06 19.22
CA HIS A 2 -1.25 11.41 20.57
C HIS A 2 -1.29 9.87 20.38
N MET A 3 -1.34 9.10 21.48
CA MET A 3 -1.41 7.62 21.38
C MET A 3 -2.72 7.13 20.70
N THR A 4 -2.61 6.36 19.61
CA THR A 4 -3.82 5.74 19.07
C THR A 4 -3.56 4.32 18.58
N ASP A 5 -4.62 3.59 18.30
CA ASP A 5 -4.49 2.24 17.71
C ASP A 5 -4.51 2.45 16.18
N SER A 6 -3.39 2.94 15.68
CA SER A 6 -3.29 3.24 14.24
C SER A 6 -3.39 1.97 13.39
N GLU A 7 -2.97 0.81 13.95
CA GLU A 7 -3.05 -0.46 13.23
CA GLU A 7 -3.05 -0.44 13.19
C GLU A 7 -4.51 -0.90 12.97
N PHE A 8 -5.43 -0.56 13.88
CA PHE A 8 -6.88 -0.79 13.70
C PHE A 8 -7.35 -0.09 12.41
N PHE A 9 -6.88 1.12 12.22
CA PHE A 9 -7.26 1.88 10.99
C PHE A 9 -6.59 1.34 9.72
N HIS A 10 -5.34 0.94 9.84
CA HIS A 10 -4.64 0.26 8.75
C HIS A 10 -5.39 -0.91 8.29
N GLN A 11 -5.86 -1.76 9.24
CA GLN A 11 -6.64 -2.94 8.86
C GLN A 11 -7.99 -2.55 8.27
N ARG A 12 -8.69 -1.57 8.84
CA ARG A 12 -9.96 -1.18 8.24
C ARG A 12 -9.78 -0.64 6.77
N PHE A 13 -8.74 0.16 6.57
CA PHE A 13 -8.44 0.73 5.27
C PHE A 13 -8.28 -0.38 4.23
N ARG A 14 -7.47 -1.38 4.56
CA ARG A 14 -7.20 -2.51 3.70
C ARG A 14 -8.39 -3.47 3.52
N ASN A 15 -9.30 -3.54 4.50
CA ASN A 15 -10.38 -4.55 4.47
C ASN A 15 -11.70 -3.98 4.08
N LEU A 16 -11.82 -2.69 3.93
CA LEU A 16 -13.08 -2.09 3.48
C LEU A 16 -13.48 -2.65 2.13
N ILE A 17 -14.77 -2.93 1.95
CA ILE A 17 -15.36 -3.50 0.72
C ILE A 17 -16.21 -2.45 0.02
N TYR A 18 -16.33 -2.57 -1.30
CA TYR A 18 -17.16 -1.70 -2.06
C TYR A 18 -18.63 -2.15 -1.91
N VAL A 19 -19.49 -1.27 -1.40
CA VAL A 19 -20.90 -1.54 -1.19
C VAL A 19 -21.65 -0.60 -2.19
N GLU A 20 -22.24 -1.20 -3.21
CA GLU A 20 -23.00 -0.46 -4.22
C GLU A 20 -24.04 0.51 -3.62
N PHE A 21 -24.71 0.10 -2.58
CA PHE A 21 -25.76 0.98 -2.00
C PHE A 21 -25.14 2.31 -1.50
N VAL A 22 -23.87 2.24 -1.12
CA VAL A 22 -23.15 3.38 -0.55
C VAL A 22 -22.65 4.22 -1.71
N GLY A 23 -22.07 3.52 -2.67
CA GLY A 23 -21.63 4.14 -3.89
C GLY A 23 -20.25 4.75 -3.85
N PRO A 24 -19.80 5.26 -4.99
CA PRO A 24 -18.43 5.67 -5.21
C PRO A 24 -17.92 6.87 -4.44
N ARG A 25 -18.73 7.91 -4.31
CA ARG A 25 -18.27 9.10 -3.59
C ARG A 25 -18.12 8.85 -2.07
N LYS A 26 -19.09 8.19 -1.48
CA LYS A 26 -19.03 7.90 -0.06
C LYS A 26 -17.92 6.87 0.23
N THR A 27 -17.67 5.99 -0.70
CA THR A 27 -16.62 4.99 -0.52
C THR A 27 -15.25 5.67 -0.55
N LEU A 28 -15.09 6.66 -1.43
CA LEU A 28 -13.85 7.44 -1.43
C LEU A 28 -13.63 8.17 -0.10
N ILE A 29 -14.69 8.82 0.39
CA ILE A 29 -14.59 9.57 1.65
C ILE A 29 -14.11 8.63 2.77
N LYS A 30 -14.71 7.44 2.85
CA LYS A 30 -14.36 6.47 3.87
C LYS A 30 -12.91 6.00 3.78
N LEU A 31 -12.52 5.63 2.58
CA LEU A 31 -11.14 5.22 2.37
C LEU A 31 -10.13 6.30 2.76
N ARG A 32 -10.39 7.52 2.36
CA ARG A 32 -9.53 8.60 2.74
C ARG A 32 -9.43 8.78 4.24
N ASN A 33 -10.56 8.85 4.92
CA ASN A 33 -10.58 8.93 6.42
C ASN A 33 -9.79 7.81 7.08
N LEU A 34 -10.01 6.56 6.64
CA LEU A 34 -9.27 5.41 7.18
C LEU A 34 -7.79 5.52 6.96
N CYS A 35 -7.36 5.94 5.77
CA CYS A 35 -5.91 5.99 5.47
C CYS A 35 -5.26 7.07 6.28
N LEU A 36 -5.95 8.21 6.43
CA LEU A 36 -5.41 9.31 7.28
C LEU A 36 -5.30 8.96 8.80
N ASP A 37 -6.26 8.18 9.30
CA ASP A 37 -6.23 7.69 10.68
C ASP A 37 -5.22 6.60 10.88
N TRP A 38 -4.80 5.91 9.81
CA TRP A 38 -3.68 5.03 9.89
C TRP A 38 -2.37 5.80 9.85
N LEU A 39 -2.17 6.62 8.82
CA LEU A 39 -0.82 7.14 8.56
C LEU A 39 -0.52 8.45 9.32
N GLN A 40 -1.57 9.14 9.78
CA GLN A 40 -1.48 10.44 10.53
C GLN A 40 -0.43 11.38 9.96
N PRO A 41 -0.57 11.76 8.69
CA PRO A 41 0.48 12.54 8.04
C PRO A 41 0.82 13.84 8.77
N GLU A 42 -0.10 14.39 9.54
CA GLU A 42 0.15 15.60 10.35
C GLU A 42 1.22 15.39 11.44
N THR A 43 1.52 14.13 11.74
CA THR A 43 2.59 13.76 12.71
C THR A 43 3.92 13.23 12.12
N ARG A 44 3.99 13.08 10.79
CA ARG A 44 5.04 12.34 10.13
C ARG A 44 5.49 13.09 8.88
N THR A 45 6.70 12.85 8.48
CA THR A 45 7.14 13.39 7.19
C THR A 45 6.77 12.39 6.06
N LYS A 46 6.74 12.89 4.83
CA LYS A 46 6.73 12.04 3.65
C LYS A 46 7.73 10.86 3.72
N GLU A 47 8.93 11.12 4.19
CA GLU A 47 9.92 10.05 4.32
C GLU A 47 9.46 8.91 5.30
N GLU A 48 8.89 9.32 6.41
CA GLU A 48 8.42 8.40 7.44
C GLU A 48 7.24 7.53 6.94
N ILE A 49 6.38 8.16 6.17
CA ILE A 49 5.27 7.51 5.52
C ILE A 49 5.77 6.45 4.55
N ILE A 50 6.75 6.78 3.74
CA ILE A 50 7.35 5.83 2.83
C ILE A 50 7.92 4.62 3.55
N GLU A 51 8.59 4.86 4.65
CA GLU A 51 9.09 3.76 5.44
C GLU A 51 8.03 2.82 6.01
N LEU A 52 6.91 3.37 6.42
CA LEU A 52 5.77 2.56 6.82
C LEU A 52 5.23 1.68 5.65
N LEU A 53 5.24 2.21 4.42
CA LEU A 53 4.75 1.45 3.28
C LEU A 53 5.72 0.34 2.93
N VAL A 54 7.01 0.62 3.01
CA VAL A 54 8.02 -0.40 2.81
C VAL A 54 7.90 -1.50 3.88
N LEU A 55 7.76 -1.10 5.13
CA LEU A 55 7.53 -2.07 6.20
C LEU A 55 6.28 -2.95 5.96
N GLU A 56 5.15 -2.35 5.54
CA GLU A 56 3.92 -3.04 5.27
C GLU A 56 4.13 -4.14 4.23
N GLN A 57 4.82 -3.76 3.16
CA GLN A 57 5.12 -4.71 2.05
C GLN A 57 6.09 -5.83 2.51
N TYR A 58 7.14 -5.45 3.23
CA TYR A 58 8.13 -6.39 3.74
C TYR A 58 7.48 -7.46 4.61
N LEU A 59 6.59 -7.04 5.53
CA LEU A 59 5.91 -7.96 6.43
C LEU A 59 5.10 -9.03 5.63
N THR A 60 4.56 -8.65 4.47
CA THR A 60 3.83 -9.61 3.69
C THR A 60 4.71 -10.64 2.96
N ILE A 61 5.95 -10.34 2.62
CA ILE A 61 6.75 -11.22 1.86
C ILE A 61 7.66 -12.13 2.71
N ILE A 62 7.59 -12.00 4.04
CA ILE A 62 8.43 -12.84 4.94
C ILE A 62 8.17 -14.32 4.67
N PRO A 63 9.22 -15.13 4.59
CA PRO A 63 8.92 -16.56 4.45
C PRO A 63 7.92 -17.03 5.49
N GLU A 64 6.96 -17.81 5.04
CA GLU A 64 5.91 -18.26 5.86
C GLU A 64 6.33 -18.87 7.24
N LYS A 65 7.39 -19.67 7.27
CA LYS A 65 7.91 -20.30 8.52
C LYS A 65 8.42 -19.26 9.57
N LEU A 66 8.80 -18.08 9.09
CA LEU A 66 9.18 -16.97 9.97
C LEU A 66 8.07 -16.03 10.39
N LYS A 67 6.89 -16.05 9.74
CA LYS A 67 5.86 -15.10 10.08
C LYS A 67 5.36 -15.13 11.53
N PRO A 68 5.14 -16.31 12.11
CA PRO A 68 4.74 -16.25 13.53
C PRO A 68 5.79 -15.61 14.45
N TRP A 69 7.04 -15.86 14.20
CA TRP A 69 8.14 -15.28 14.94
C TRP A 69 8.20 -13.77 14.80
N VAL A 70 8.21 -13.32 13.54
CA VAL A 70 8.27 -11.89 13.29
C VAL A 70 7.14 -11.15 13.92
N ARG A 71 5.96 -11.72 13.89
CA ARG A 71 4.90 -11.06 14.54
C ARG A 71 4.87 -11.18 16.09
N ALA A 72 5.42 -12.24 16.64
CA ALA A 72 5.51 -12.34 18.10
C ALA A 72 6.39 -11.18 18.53
N LYS A 73 7.42 -10.88 17.75
CA LYS A 73 8.37 -9.84 18.05
C LYS A 73 7.91 -8.38 17.76
N LYS A 74 6.97 -8.19 16.84
CA LYS A 74 6.59 -6.84 16.37
C LYS A 74 7.80 -5.92 16.15
N PRO A 75 8.57 -6.15 15.10
CA PRO A 75 9.53 -5.10 14.88
C PRO A 75 8.73 -3.86 14.46
N GLU A 76 9.11 -2.69 14.95
CA GLU A 76 8.27 -1.54 14.69
C GLU A 76 8.78 -0.72 13.53
N ASN A 77 9.98 -1.04 13.02
CA ASN A 77 10.46 -0.54 11.74
C ASN A 77 11.33 -1.52 10.89
N CYS A 78 11.72 -1.12 9.70
CA CYS A 78 12.38 -2.05 8.79
C CYS A 78 13.71 -2.52 9.28
N GLU A 79 14.52 -1.58 9.78
CA GLU A 79 15.86 -1.87 10.21
CA GLU A 79 15.89 -1.96 10.13
C GLU A 79 15.89 -3.00 11.21
N LYS A 80 14.96 -2.91 12.11
CA LYS A 80 14.79 -3.87 13.11
C LYS A 80 14.61 -5.20 12.41
N LEU A 81 13.55 -5.26 11.57
CA LEU A 81 13.13 -6.47 10.87
C LEU A 81 14.30 -7.11 10.18
N VAL A 82 15.13 -6.32 9.51
CA VAL A 82 16.28 -6.80 8.79
C VAL A 82 17.34 -7.41 9.71
N THR A 83 17.54 -6.82 10.87
CA THR A 83 18.61 -7.32 11.77
C THR A 83 18.10 -8.58 12.45
N LEU A 84 16.81 -8.54 12.75
CA LEU A 84 16.16 -9.71 13.21
C LEU A 84 16.26 -10.88 12.19
N LEU A 85 15.90 -10.65 10.93
CA LEU A 85 15.99 -11.74 9.98
C LEU A 85 17.46 -12.13 9.76
N GLU A 86 18.39 -11.20 9.97
CA GLU A 86 19.79 -11.55 9.90
C GLU A 86 20.16 -12.59 11.01
N ASN A 87 19.28 -12.82 12.01
CA ASN A 87 19.53 -13.79 13.12
C ASN A 87 18.41 -14.80 13.58
N TYR A 88 17.40 -15.06 12.75
CA TYR A 88 16.15 -15.78 13.04
CA TYR A 88 16.32 -16.04 13.19
C TYR A 88 15.90 -16.95 12.03
N LYS A 89 16.70 -16.98 10.97
CA LYS A 89 16.35 -17.66 9.71
C LYS A 89 16.45 -19.18 9.61
N GLU A 90 17.57 -19.77 10.04
CA GLU A 90 17.78 -21.23 9.94
C GLU A 90 16.75 -21.93 10.86
N MET A 91 15.58 -22.26 10.30
CA MET A 91 14.39 -22.63 11.10
C MET A 91 13.80 -23.97 10.65
N HIS B 2 10.20 11.64 -14.32
CA HIS B 2 8.95 11.94 -15.08
C HIS B 2 9.06 11.51 -16.57
N MET B 3 7.95 11.00 -17.11
CA MET B 3 7.88 10.14 -18.31
C MET B 3 8.51 8.77 -17.97
N THR B 4 8.56 8.43 -16.68
CA THR B 4 8.90 7.07 -16.25
C THR B 4 7.61 6.29 -16.14
N ASP B 5 7.74 4.98 -16.33
CA ASP B 5 6.65 4.06 -16.17
C ASP B 5 6.58 3.68 -14.68
N SER B 6 6.05 4.60 -13.88
CA SER B 6 5.94 4.36 -12.45
C SER B 6 5.08 3.14 -12.15
N GLU B 7 4.14 2.75 -13.04
CA GLU B 7 3.32 1.56 -12.80
C GLU B 7 4.02 0.20 -12.91
N PHE B 8 5.04 0.17 -13.78
CA PHE B 8 5.98 -0.95 -13.84
C PHE B 8 6.56 -1.14 -12.43
N PHE B 9 6.97 -0.04 -11.82
CA PHE B 9 7.61 -0.11 -10.51
C PHE B 9 6.64 -0.47 -9.38
N HIS B 10 5.43 0.02 -9.52
CA HIS B 10 4.34 -0.37 -8.64
C HIS B 10 4.20 -1.87 -8.59
N GLN B 11 4.05 -2.47 -9.78
CA GLN B 11 3.97 -3.89 -9.89
C GLN B 11 5.18 -4.65 -9.28
N ARG B 12 6.40 -4.18 -9.54
CA ARG B 12 7.57 -4.86 -9.04
CA ARG B 12 7.59 -4.79 -9.02
C ARG B 12 7.63 -4.74 -7.48
N PHE B 13 7.30 -3.57 -6.96
CA PHE B 13 7.24 -3.40 -5.49
C PHE B 13 6.27 -4.34 -4.83
N ARG B 14 5.10 -4.49 -5.36
CA ARG B 14 4.06 -5.32 -4.77
C ARG B 14 4.28 -6.81 -5.02
N ASN B 15 5.13 -7.19 -5.95
CA ASN B 15 5.35 -8.62 -6.30
C ASN B 15 6.75 -9.17 -6.07
N LEU B 16 7.63 -8.37 -5.53
CA LEU B 16 8.95 -8.87 -5.15
C LEU B 16 8.79 -10.01 -4.15
N ILE B 17 9.57 -11.06 -4.35
CA ILE B 17 9.50 -12.16 -3.40
CA ILE B 17 9.58 -12.25 -3.50
C ILE B 17 10.81 -12.23 -2.62
N TYR B 18 10.70 -12.73 -1.41
CA TYR B 18 11.84 -12.83 -0.55
C TYR B 18 12.73 -14.01 -1.04
N VAL B 19 13.99 -13.74 -1.36
CA VAL B 19 14.93 -14.77 -1.79
C VAL B 19 15.99 -14.94 -0.66
N GLU B 20 15.96 -16.10 -0.01
CA GLU B 20 16.76 -16.34 1.21
C GLU B 20 18.21 -16.11 0.89
N PHE B 21 18.65 -16.54 -0.28
CA PHE B 21 20.02 -16.30 -0.68
C PHE B 21 20.39 -14.80 -0.74
N VAL B 22 19.50 -13.96 -1.25
CA VAL B 22 19.72 -12.49 -1.20
C VAL B 22 19.80 -11.95 0.23
N GLY B 23 18.91 -12.45 1.08
CA GLY B 23 18.87 -12.08 2.45
C GLY B 23 18.14 -10.76 2.66
N PRO B 24 17.90 -10.43 3.94
CA PRO B 24 17.07 -9.31 4.37
C PRO B 24 17.57 -7.90 4.07
N ARG B 25 18.87 -7.70 4.13
CA ARG B 25 19.45 -6.40 3.91
C ARG B 25 19.24 -5.97 2.51
N LYS B 26 19.67 -6.80 1.59
CA LYS B 26 19.59 -6.46 0.17
C LYS B 26 18.11 -6.35 -0.29
N THR B 27 17.27 -7.17 0.29
CA THR B 27 15.80 -7.19 0.05
C THR B 27 15.21 -5.83 0.47
N LEU B 28 15.61 -5.34 1.64
CA LEU B 28 15.18 -4.01 2.09
C LEU B 28 15.60 -2.91 1.14
N ILE B 29 16.86 -2.91 0.72
CA ILE B 29 17.35 -1.92 -0.21
C ILE B 29 16.53 -1.97 -1.53
N LYS B 30 16.29 -3.17 -2.02
CA LYS B 30 15.51 -3.34 -3.23
C LYS B 30 14.05 -2.86 -3.07
N LEU B 31 13.39 -3.24 -1.98
CA LEU B 31 12.04 -2.76 -1.72
C LEU B 31 11.94 -1.25 -1.58
N ARG B 32 12.84 -0.62 -0.81
CA ARG B 32 12.90 0.86 -0.82
C ARG B 32 13.06 1.43 -2.20
N ASN B 33 14.04 0.95 -2.97
CA ASN B 33 14.28 1.51 -4.32
C ASN B 33 13.03 1.43 -5.25
N LEU B 34 12.40 0.27 -5.23
CA LEU B 34 11.16 0.02 -6.01
C LEU B 34 10.04 0.92 -5.53
N CYS B 35 9.88 1.06 -4.20
CA CYS B 35 8.85 1.95 -3.64
C CYS B 35 9.07 3.38 -4.11
N LEU B 36 10.31 3.85 -3.99
CA LEU B 36 10.62 5.19 -4.45
C LEU B 36 10.43 5.43 -5.94
N ASP B 37 10.80 4.44 -6.74
CA ASP B 37 10.55 4.54 -8.20
C ASP B 37 9.05 4.50 -8.56
N TRP B 38 8.24 3.86 -7.73
CA TRP B 38 6.76 3.98 -7.91
C TRP B 38 6.22 5.34 -7.46
N LEU B 39 6.44 5.65 -6.18
CA LEU B 39 5.86 6.83 -5.60
C LEU B 39 6.50 8.18 -5.94
N GLN B 40 7.78 8.16 -6.32
CA GLN B 40 8.54 9.35 -6.75
C GLN B 40 8.34 10.50 -5.81
N PRO B 41 8.77 10.32 -4.58
CA PRO B 41 8.44 11.36 -3.63
C PRO B 41 9.05 12.73 -3.91
N GLU B 42 10.07 12.79 -4.73
CA GLU B 42 10.61 14.08 -5.12
C GLU B 42 9.60 14.91 -5.92
N THR B 43 8.53 14.31 -6.41
CA THR B 43 7.61 15.01 -7.22
C THR B 43 6.32 15.35 -6.48
N ARG B 44 6.10 14.78 -5.28
CA ARG B 44 4.81 14.77 -4.59
C ARG B 44 4.95 15.24 -3.19
N THR B 45 3.90 15.79 -2.66
CA THR B 45 3.79 16.00 -1.24
C THR B 45 3.35 14.76 -0.49
N LYS B 46 3.41 14.80 0.86
CA LYS B 46 2.89 13.68 1.60
C LYS B 46 1.39 13.45 1.34
N GLU B 47 0.65 14.53 1.11
CA GLU B 47 -0.79 14.41 0.83
CA GLU B 47 -0.78 14.44 0.84
C GLU B 47 -1.03 13.73 -0.51
N GLU B 48 -0.17 13.99 -1.49
CA GLU B 48 -0.30 13.39 -2.84
C GLU B 48 0.08 11.92 -2.77
N ILE B 49 1.06 11.58 -1.94
CA ILE B 49 1.38 10.21 -1.66
C ILE B 49 0.21 9.50 -1.00
N ILE B 50 -0.44 10.12 -0.01
CA ILE B 50 -1.61 9.51 0.57
C ILE B 50 -2.75 9.26 -0.49
N GLU B 51 -2.98 10.23 -1.33
CA GLU B 51 -3.94 10.07 -2.40
C GLU B 51 -3.65 8.92 -3.30
N LEU B 52 -2.39 8.75 -3.65
CA LEU B 52 -2.00 7.61 -4.48
CA LEU B 52 -1.98 7.64 -4.46
C LEU B 52 -2.27 6.29 -3.77
N LEU B 53 -2.06 6.26 -2.45
CA LEU B 53 -2.36 5.06 -1.68
C LEU B 53 -3.83 4.74 -1.59
N VAL B 54 -4.62 5.79 -1.45
CA VAL B 54 -6.04 5.69 -1.48
C VAL B 54 -6.51 5.19 -2.86
N LEU B 55 -5.95 5.77 -3.93
CA LEU B 55 -6.25 5.24 -5.28
C LEU B 55 -5.90 3.74 -5.44
N GLU B 56 -4.71 3.31 -5.01
CA GLU B 56 -4.36 1.92 -5.07
C GLU B 56 -5.39 0.96 -4.44
N GLN B 57 -5.79 1.31 -3.21
CA GLN B 57 -6.72 0.49 -2.41
C GLN B 57 -8.06 0.53 -3.06
N TYR B 58 -8.50 1.69 -3.52
CA TYR B 58 -9.78 1.78 -4.20
C TYR B 58 -9.83 0.87 -5.44
N LEU B 59 -8.80 0.92 -6.28
CA LEU B 59 -8.75 0.13 -7.50
C LEU B 59 -8.76 -1.40 -7.15
N THR B 60 -8.18 -1.76 -6.00
CA THR B 60 -8.22 -3.13 -5.49
CA THR B 60 -8.21 -3.16 -5.60
C THR B 60 -9.59 -3.67 -5.24
N ILE B 61 -10.49 -2.83 -4.72
CA ILE B 61 -11.78 -3.27 -4.23
C ILE B 61 -12.92 -3.10 -5.23
N ILE B 62 -12.62 -2.61 -6.40
CA ILE B 62 -13.68 -2.45 -7.38
C ILE B 62 -14.28 -3.84 -7.68
N PRO B 63 -15.58 -3.99 -7.65
CA PRO B 63 -16.14 -5.31 -7.98
C PRO B 63 -15.86 -5.70 -9.44
N GLU B 64 -15.71 -7.01 -9.65
CA GLU B 64 -15.45 -7.53 -10.97
C GLU B 64 -16.46 -6.95 -11.98
N LYS B 65 -17.69 -6.71 -11.59
CA LYS B 65 -18.72 -6.17 -12.54
C LYS B 65 -18.32 -4.80 -13.16
N LEU B 66 -17.53 -4.03 -12.43
CA LEU B 66 -17.18 -2.63 -12.81
C LEU B 66 -15.75 -2.53 -13.27
N LYS B 67 -14.94 -3.55 -12.99
CA LYS B 67 -13.56 -3.50 -13.31
C LYS B 67 -13.21 -3.23 -14.76
N PRO B 68 -13.96 -3.80 -15.75
CA PRO B 68 -13.57 -3.51 -17.15
C PRO B 68 -13.55 -2.01 -17.48
N TRP B 69 -14.47 -1.22 -16.96
CA TRP B 69 -14.50 0.24 -17.18
C TRP B 69 -13.20 0.90 -16.62
N VAL B 70 -12.84 0.43 -15.44
CA VAL B 70 -11.69 1.00 -14.77
C VAL B 70 -10.38 0.55 -15.44
N ARG B 71 -10.28 -0.72 -15.73
CA ARG B 71 -9.10 -1.21 -16.47
C ARG B 71 -8.85 -0.45 -17.81
N ALA B 72 -9.94 -0.14 -18.51
CA ALA B 72 -9.87 0.54 -19.77
C ALA B 72 -9.56 1.99 -19.59
N LYS B 73 -10.17 2.65 -18.60
CA LYS B 73 -10.00 4.09 -18.51
C LYS B 73 -8.67 4.44 -17.85
N LYS B 74 -8.19 3.57 -16.97
CA LYS B 74 -6.94 3.84 -16.21
C LYS B 74 -7.00 5.21 -15.52
N PRO B 75 -8.02 5.45 -14.73
CA PRO B 75 -8.11 6.73 -14.10
C PRO B 75 -6.85 7.09 -13.25
N GLU B 76 -6.44 8.34 -13.32
CA GLU B 76 -5.14 8.76 -12.83
C GLU B 76 -5.28 9.32 -11.40
N ASN B 77 -6.52 9.59 -10.97
CA ASN B 77 -6.77 10.03 -9.60
C ASN B 77 -8.16 9.62 -9.12
N CYS B 78 -8.40 9.77 -7.82
CA CYS B 78 -9.67 9.28 -7.26
C CYS B 78 -10.89 10.04 -7.76
N GLU B 79 -10.75 11.35 -8.03
CA GLU B 79 -11.89 12.09 -8.57
C GLU B 79 -12.29 11.50 -9.89
N LYS B 80 -11.29 11.21 -10.72
CA LYS B 80 -11.55 10.60 -12.04
C LYS B 80 -12.16 9.20 -11.90
N LEU B 81 -11.62 8.41 -10.95
CA LEU B 81 -12.22 7.13 -10.68
C LEU B 81 -13.70 7.23 -10.29
N VAL B 82 -14.05 8.07 -9.33
CA VAL B 82 -15.42 8.15 -8.85
C VAL B 82 -16.33 8.56 -9.99
N THR B 83 -15.89 9.51 -10.82
CA THR B 83 -16.70 9.97 -11.95
C THR B 83 -17.01 8.85 -12.92
N LEU B 84 -15.98 8.07 -13.17
CA LEU B 84 -16.10 6.92 -13.97
C LEU B 84 -17.09 5.93 -13.41
N LEU B 85 -17.02 5.67 -12.10
CA LEU B 85 -17.87 4.67 -11.50
C LEU B 85 -19.25 5.21 -11.50
N GLU B 86 -19.40 6.51 -11.29
CA GLU B 86 -20.81 7.05 -11.32
C GLU B 86 -21.49 6.90 -12.68
N ASN B 87 -20.73 7.23 -13.73
CA ASN B 87 -21.15 7.02 -15.13
C ASN B 87 -21.50 5.60 -15.55
N TYR B 88 -20.80 4.58 -15.04
CA TYR B 88 -20.97 3.24 -15.51
C TYR B 88 -21.50 2.28 -14.45
N LYS B 89 -22.07 2.81 -13.39
CA LYS B 89 -22.49 1.98 -12.26
C LYS B 89 -23.71 1.10 -12.56
N GLU B 90 -24.50 1.44 -13.58
CA GLU B 90 -25.61 0.57 -13.99
C GLU B 90 -25.51 0.06 -15.43
N MET B 91 -24.53 -0.80 -15.67
CA MET B 91 -24.07 -1.16 -16.99
C MET B 91 -24.07 -2.67 -17.13
N TYR B 92 -24.49 -3.15 -18.30
CA TYR B 92 -24.69 -4.58 -18.57
C TYR B 92 -23.46 -5.21 -19.22
N GLN B 93 -23.40 -6.54 -19.12
CA GLN B 93 -22.32 -7.38 -19.72
C GLN B 93 -21.67 -6.78 -20.96
#